data_1NJ3
#
_entry.id   1NJ3
#
_cell.length_a   1.000
_cell.length_b   1.000
_cell.length_c   1.000
_cell.angle_alpha   90.00
_cell.angle_beta   90.00
_cell.angle_gamma   90.00
#
_symmetry.space_group_name_H-M   'P 1'
#
loop_
_entity.id
_entity.type
_entity.pdbx_description
1 polymer NPL4
2 non-polymer 'ZINC ION'
#
_entity_poly.entity_id   1
_entity_poly.type   'polypeptide(L)'
_entity_poly.pdbx_seq_one_letter_code
;GSTSAMWACQHCTFMNQPGTGHCEMCSLPRT
;
_entity_poly.pdbx_strand_id   A
#
# COMPACT_ATOMS: atom_id res chain seq x y z
N GLY A 1 4.18 0.65 -11.95
CA GLY A 1 4.49 1.04 -13.36
C GLY A 1 3.48 2.03 -13.92
N SER A 2 3.65 3.29 -13.57
CA SER A 2 2.73 4.34 -14.05
C SER A 2 1.31 4.07 -13.59
N THR A 3 0.99 4.50 -12.37
CA THR A 3 -0.35 4.29 -11.82
C THR A 3 -0.91 5.61 -11.28
N SER A 4 -2.01 5.51 -10.54
CA SER A 4 -2.64 6.69 -9.96
C SER A 4 -1.75 7.31 -8.88
N ALA A 5 -1.79 6.74 -7.68
CA ALA A 5 -0.98 7.25 -6.58
C ALA A 5 -0.79 6.18 -5.51
N MET A 6 0.44 5.71 -5.37
CA MET A 6 0.76 4.69 -4.38
C MET A 6 0.76 5.30 -2.99
N TRP A 7 0.95 4.44 -1.98
CA TRP A 7 0.98 4.91 -0.59
C TRP A 7 2.09 4.23 0.19
N ALA A 8 2.44 4.85 1.31
CA ALA A 8 3.48 4.32 2.18
C ALA A 8 2.87 3.81 3.49
N CYS A 9 3.01 2.51 3.72
CA CYS A 9 2.47 1.90 4.92
C CYS A 9 3.17 2.40 6.17
N GLN A 10 2.53 2.18 7.32
CA GLN A 10 3.10 2.61 8.60
C GLN A 10 3.31 1.41 9.52
N HIS A 11 3.65 0.26 8.92
CA HIS A 11 3.89 -0.95 9.69
C HIS A 11 5.11 -1.66 9.12
N CYS A 12 5.02 -2.03 7.85
CA CYS A 12 6.11 -2.66 7.15
C CYS A 12 7.07 -1.62 6.62
N THR A 13 6.51 -0.44 6.33
CA THR A 13 7.27 0.70 5.83
C THR A 13 7.67 0.50 4.37
N PHE A 14 6.74 -0.02 3.58
CA PHE A 14 6.98 -0.25 2.16
C PHE A 14 5.95 0.50 1.33
N MET A 15 6.23 0.59 0.04
CA MET A 15 5.33 1.27 -0.88
C MET A 15 4.26 0.31 -1.37
N ASN A 16 3.09 0.84 -1.67
CA ASN A 16 1.97 0.03 -2.09
C ASN A 16 1.19 0.69 -3.22
N GLN A 17 0.57 -0.13 -4.06
CA GLN A 17 -0.22 0.37 -5.18
C GLN A 17 -1.46 1.12 -4.70
N PRO A 18 -2.08 1.92 -5.59
CA PRO A 18 -3.27 2.70 -5.25
C PRO A 18 -4.53 1.85 -5.12
N GLY A 19 -4.43 0.57 -5.49
CA GLY A 19 -5.57 -0.32 -5.39
C GLY A 19 -5.41 -1.35 -4.30
N THR A 20 -4.19 -1.48 -3.78
CA THR A 20 -3.90 -2.43 -2.72
C THR A 20 -4.01 -1.78 -1.36
N GLY A 21 -5.18 -1.25 -1.04
CA GLY A 21 -5.39 -0.60 0.24
C GLY A 21 -4.80 -1.41 1.39
N HIS A 22 -4.78 -2.73 1.22
CA HIS A 22 -4.21 -3.60 2.24
C HIS A 22 -2.69 -3.46 2.23
N CYS A 23 -1.98 -4.50 1.80
CA CYS A 23 -0.53 -4.44 1.74
C CYS A 23 0.07 -5.79 1.35
N GLU A 24 1.24 -5.75 0.73
CA GLU A 24 1.93 -6.95 0.31
C GLU A 24 3.11 -7.23 1.24
N MET A 25 3.01 -6.72 2.47
CA MET A 25 4.06 -6.90 3.46
C MET A 25 3.45 -7.32 4.79
N CYS A 26 2.64 -6.44 5.35
CA CYS A 26 2.00 -6.73 6.62
C CYS A 26 0.76 -7.60 6.42
N SER A 27 -0.11 -7.17 5.48
CA SER A 27 -1.36 -7.87 5.19
C SER A 27 -2.49 -7.22 5.96
N LEU A 28 -2.38 -5.91 6.09
CA LEU A 28 -3.33 -5.11 6.82
C LEU A 28 -3.93 -4.05 5.92
N PRO A 29 -4.97 -3.35 6.39
CA PRO A 29 -5.64 -2.30 5.63
C PRO A 29 -4.87 -0.98 5.64
N ARG A 30 -5.19 -0.10 4.71
CA ARG A 30 -4.53 1.21 4.61
C ARG A 30 -4.96 2.12 5.75
N THR A 31 -5.97 1.68 6.49
CA THR A 31 -6.48 2.45 7.61
C THR A 31 -6.97 1.53 8.72
N GLY A 1 1.75 6.91 -15.10
CA GLY A 1 0.59 7.08 -16.02
C GLY A 1 -0.62 6.26 -15.59
N SER A 2 -0.54 4.95 -15.76
CA SER A 2 -1.63 4.07 -15.39
C SER A 2 -1.93 4.17 -13.89
N THR A 3 -0.95 3.80 -13.07
CA THR A 3 -1.11 3.85 -11.62
C THR A 3 -1.38 5.28 -11.16
N SER A 4 -2.45 5.45 -10.38
CA SER A 4 -2.82 6.76 -9.86
C SER A 4 -1.75 7.29 -8.90
N ALA A 5 -1.78 6.78 -7.68
CA ALA A 5 -0.81 7.20 -6.66
C ALA A 5 -0.67 6.15 -5.56
N MET A 6 0.54 5.65 -5.38
CA MET A 6 0.80 4.64 -4.37
C MET A 6 0.79 5.27 -2.97
N TRP A 7 0.99 4.44 -1.95
CA TRP A 7 1.00 4.91 -0.58
C TRP A 7 2.10 4.25 0.23
N ALA A 8 2.46 4.89 1.34
CA ALA A 8 3.49 4.36 2.23
C ALA A 8 2.87 3.83 3.51
N CYS A 9 3.01 2.53 3.73
CA CYS A 9 2.46 1.90 4.92
C CYS A 9 3.14 2.38 6.18
N GLN A 10 2.49 2.19 7.31
CA GLN A 10 3.03 2.59 8.60
C GLN A 10 3.21 1.38 9.51
N HIS A 11 3.58 0.24 8.91
CA HIS A 11 3.78 -0.98 9.67
C HIS A 11 5.03 -1.69 9.14
N CYS A 12 5.00 -1.99 7.85
CA CYS A 12 6.12 -2.63 7.18
C CYS A 12 7.10 -1.57 6.69
N THR A 13 6.53 -0.43 6.28
CA THR A 13 7.30 0.72 5.78
C THR A 13 7.68 0.55 4.31
N PHE A 14 6.77 -0.03 3.54
CA PHE A 14 7.00 -0.23 2.12
C PHE A 14 5.93 0.49 1.31
N MET A 15 6.18 0.62 0.01
CA MET A 15 5.24 1.29 -0.88
C MET A 15 4.20 0.31 -1.36
N ASN A 16 3.03 0.82 -1.66
CA ASN A 16 1.93 -0.02 -2.09
C ASN A 16 1.14 0.63 -3.22
N GLN A 17 0.50 -0.19 -4.05
CA GLN A 17 -0.27 0.30 -5.18
C GLN A 17 -1.50 1.08 -4.70
N PRO A 18 -2.10 1.89 -5.59
CA PRO A 18 -3.28 2.70 -5.26
C PRO A 18 -4.55 1.87 -5.11
N GLY A 19 -4.47 0.59 -5.47
CA GLY A 19 -5.63 -0.28 -5.36
C GLY A 19 -5.46 -1.32 -4.28
N THR A 20 -4.24 -1.44 -3.77
CA THR A 20 -3.92 -2.40 -2.72
C THR A 20 -4.03 -1.75 -1.35
N GLY A 21 -5.20 -1.23 -1.03
CA GLY A 21 -5.40 -0.59 0.26
C GLY A 21 -4.79 -1.39 1.40
N HIS A 22 -4.77 -2.71 1.23
CA HIS A 22 -4.20 -3.58 2.24
C HIS A 22 -2.67 -3.44 2.22
N CYS A 23 -1.96 -4.48 1.79
CA CYS A 23 -0.50 -4.42 1.73
C CYS A 23 0.09 -5.75 1.31
N GLU A 24 1.29 -5.70 0.75
CA GLU A 24 1.99 -6.91 0.32
C GLU A 24 3.17 -7.20 1.25
N MET A 25 3.08 -6.69 2.48
CA MET A 25 4.12 -6.89 3.47
C MET A 25 3.51 -7.32 4.79
N CYS A 26 2.65 -6.47 5.35
CA CYS A 26 2.01 -6.78 6.60
C CYS A 26 0.76 -7.63 6.39
N SER A 27 -0.11 -7.19 5.46
CA SER A 27 -1.36 -7.87 5.14
C SER A 27 -2.49 -7.23 5.92
N LEU A 28 -2.36 -5.92 6.07
CA LEU A 28 -3.32 -5.13 6.81
C LEU A 28 -3.92 -4.05 5.92
N PRO A 29 -4.96 -3.35 6.40
CA PRO A 29 -5.63 -2.30 5.64
C PRO A 29 -4.84 -0.98 5.67
N ARG A 30 -5.17 -0.09 4.73
CA ARG A 30 -4.51 1.20 4.65
C ARG A 30 -4.91 2.10 5.80
N THR A 31 -5.91 1.67 6.54
CA THR A 31 -6.41 2.43 7.68
C THR A 31 -6.88 1.50 8.79
N GLY A 1 -3.35 7.48 -15.52
CA GLY A 1 -3.73 6.25 -16.25
C GLY A 1 -3.35 4.98 -15.52
N SER A 2 -4.30 4.07 -15.35
CA SER A 2 -4.07 2.82 -14.65
C SER A 2 -3.79 3.05 -13.17
N THR A 3 -2.63 3.62 -12.87
CA THR A 3 -2.26 3.90 -11.49
C THR A 3 -2.33 5.39 -11.19
N SER A 4 -2.97 5.75 -10.09
CA SER A 4 -3.10 7.15 -9.70
C SER A 4 -1.93 7.57 -8.79
N ALA A 5 -1.91 7.03 -7.58
CA ALA A 5 -0.85 7.36 -6.63
C ALA A 5 -0.73 6.27 -5.56
N MET A 6 0.49 5.76 -5.40
CA MET A 6 0.75 4.72 -4.42
C MET A 6 0.72 5.29 -3.00
N TRP A 7 0.92 4.43 -2.01
CA TRP A 7 0.93 4.87 -0.62
C TRP A 7 2.05 4.20 0.17
N ALA A 8 2.39 4.81 1.29
CA ALA A 8 3.44 4.30 2.17
C ALA A 8 2.83 3.79 3.47
N CYS A 9 2.99 2.50 3.72
CA CYS A 9 2.46 1.87 4.92
C CYS A 9 3.17 2.38 6.17
N GLN A 10 2.54 2.17 7.32
CA GLN A 10 3.11 2.60 8.58
C GLN A 10 3.33 1.42 9.51
N HIS A 11 3.67 0.26 8.92
CA HIS A 11 3.92 -0.95 9.69
C HIS A 11 5.13 -1.66 9.11
N CYS A 12 5.03 -2.03 7.85
CA CYS A 12 6.13 -2.68 7.15
C CYS A 12 7.07 -1.62 6.61
N THR A 13 6.51 -0.45 6.32
CA THR A 13 7.26 0.68 5.80
C THR A 13 7.66 0.47 4.35
N PHE A 14 6.72 -0.05 3.57
CA PHE A 14 6.96 -0.28 2.15
C PHE A 14 5.96 0.49 1.31
N MET A 15 6.24 0.59 0.02
CA MET A 15 5.36 1.29 -0.90
C MET A 15 4.29 0.35 -1.40
N ASN A 16 3.11 0.89 -1.66
CA ASN A 16 1.99 0.08 -2.11
C ASN A 16 1.19 0.78 -3.21
N GLN A 17 0.64 -0.01 -4.13
CA GLN A 17 -0.14 0.52 -5.24
C GLN A 17 -1.43 1.19 -4.73
N PRO A 18 -2.10 1.97 -5.60
CA PRO A 18 -3.34 2.68 -5.23
C PRO A 18 -4.56 1.76 -5.16
N GLY A 19 -4.37 0.49 -5.52
CA GLY A 19 -5.47 -0.45 -5.49
C GLY A 19 -5.36 -1.44 -4.35
N THR A 20 -4.15 -1.57 -3.81
CA THR A 20 -3.90 -2.48 -2.70
C THR A 20 -3.99 -1.77 -1.37
N GLY A 21 -5.19 -1.31 -1.01
CA GLY A 21 -5.35 -0.63 0.26
C GLY A 21 -4.77 -1.42 1.40
N HIS A 22 -4.78 -2.74 1.27
CA HIS A 22 -4.22 -3.61 2.28
C HIS A 22 -2.70 -3.47 2.28
N CYS A 23 -1.99 -4.52 1.85
CA CYS A 23 -0.53 -4.47 1.79
C CYS A 23 0.06 -5.82 1.42
N GLU A 24 1.19 -5.78 0.73
CA GLU A 24 1.87 -6.99 0.32
C GLU A 24 3.07 -7.24 1.24
N MET A 25 2.97 -6.75 2.46
CA MET A 25 4.04 -6.92 3.45
C MET A 25 3.44 -7.33 4.78
N CYS A 26 2.63 -6.46 5.37
CA CYS A 26 2.01 -6.76 6.64
C CYS A 26 0.76 -7.61 6.45
N SER A 27 -0.11 -7.18 5.54
CA SER A 27 -1.37 -7.87 5.24
C SER A 27 -2.49 -7.20 6.02
N LEU A 28 -2.37 -5.89 6.15
CA LEU A 28 -3.32 -5.08 6.88
C LEU A 28 -3.93 -4.03 5.97
N PRO A 29 -4.97 -3.33 6.45
CA PRO A 29 -5.65 -2.29 5.67
C PRO A 29 -4.89 -0.97 5.66
N ARG A 30 -5.21 -0.11 4.70
CA ARG A 30 -4.57 1.18 4.58
C ARG A 30 -5.00 2.12 5.71
N THR A 31 -6.00 1.69 6.45
CA THR A 31 -6.52 2.48 7.55
C THR A 31 -7.00 1.58 8.68
N GLY A 1 -0.45 -1.43 -15.78
CA GLY A 1 0.09 -0.37 -16.67
C GLY A 1 -0.19 1.03 -16.13
N SER A 2 -1.47 1.30 -15.84
CA SER A 2 -1.87 2.59 -15.32
C SER A 2 -1.90 2.59 -13.80
N THR A 3 -1.64 3.76 -13.20
CA THR A 3 -1.64 3.88 -11.75
C THR A 3 -1.87 5.33 -11.33
N SER A 4 -2.68 5.52 -10.28
CA SER A 4 -2.98 6.85 -9.79
C SER A 4 -1.88 7.36 -8.85
N ALA A 5 -1.86 6.84 -7.63
CA ALA A 5 -0.86 7.24 -6.64
C ALA A 5 -0.72 6.17 -5.55
N MET A 6 0.50 5.67 -5.39
CA MET A 6 0.77 4.66 -4.38
C MET A 6 0.75 5.27 -2.98
N TRP A 7 0.97 4.43 -1.97
CA TRP A 7 0.98 4.91 -0.59
C TRP A 7 2.09 4.24 0.21
N ALA A 8 2.43 4.87 1.33
CA ALA A 8 3.47 4.35 2.21
C ALA A 8 2.86 3.83 3.50
N CYS A 9 3.01 2.53 3.73
CA CYS A 9 2.47 1.91 4.93
C CYS A 9 3.16 2.40 6.19
N GLN A 10 2.51 2.18 7.33
CA GLN A 10 3.06 2.61 8.61
C GLN A 10 3.26 1.41 9.52
N HIS A 11 3.61 0.26 8.92
CA HIS A 11 3.85 -0.95 9.68
C HIS A 11 5.07 -1.66 9.14
N CYS A 12 5.01 -2.01 7.86
CA CYS A 12 6.12 -2.65 7.19
C CYS A 12 7.10 -1.60 6.69
N THR A 13 6.53 -0.45 6.29
CA THR A 13 7.31 0.70 5.79
C THR A 13 7.69 0.52 4.32
N PHE A 14 6.78 -0.05 3.54
CA PHE A 14 7.00 -0.25 2.13
C PHE A 14 5.95 0.48 1.31
N MET A 15 6.21 0.62 0.02
CA MET A 15 5.27 1.30 -0.88
C MET A 15 4.23 0.31 -1.36
N ASN A 16 3.05 0.84 -1.66
CA ASN A 16 1.95 0.00 -2.09
C ASN A 16 1.16 0.66 -3.22
N GLN A 17 0.56 -0.17 -4.07
CA GLN A 17 -0.23 0.33 -5.19
C GLN A 17 -1.47 1.10 -4.71
N PRO A 18 -2.08 1.90 -5.60
CA PRO A 18 -3.27 2.70 -5.27
C PRO A 18 -4.53 1.85 -5.13
N GLY A 19 -4.44 0.58 -5.49
CA GLY A 19 -5.60 -0.31 -5.40
C GLY A 19 -5.44 -1.33 -4.29
N THR A 20 -4.22 -1.47 -3.78
CA THR A 20 -3.93 -2.42 -2.72
C THR A 20 -4.01 -1.76 -1.35
N GLY A 21 -5.20 -1.24 -1.02
CA GLY A 21 -5.38 -0.59 0.26
C GLY A 21 -4.78 -1.40 1.40
N HIS A 22 -4.77 -2.71 1.23
CA HIS A 22 -4.20 -3.59 2.24
C HIS A 22 -2.69 -3.46 2.23
N CYS A 23 -1.97 -4.50 1.80
CA CYS A 23 -0.52 -4.44 1.74
C CYS A 23 0.07 -5.79 1.33
N GLU A 24 1.26 -5.74 0.76
CA GLU A 24 1.96 -6.94 0.33
C GLU A 24 3.14 -7.22 1.25
N MET A 25 3.05 -6.71 2.48
CA MET A 25 4.11 -6.90 3.47
C MET A 25 3.50 -7.32 4.79
N CYS A 26 2.64 -6.47 5.36
CA CYS A 26 2.00 -6.79 6.61
C CYS A 26 0.75 -7.64 6.39
N SER A 27 -0.12 -7.18 5.47
CA SER A 27 -1.38 -7.88 5.16
C SER A 27 -2.50 -7.23 5.93
N LEU A 28 -2.38 -5.91 6.09
CA LEU A 28 -3.33 -5.12 6.82
C LEU A 28 -3.93 -4.05 5.92
N PRO A 29 -4.97 -3.35 6.40
CA PRO A 29 -5.64 -2.30 5.64
C PRO A 29 -4.86 -0.99 5.66
N ARG A 30 -5.18 -0.10 4.72
CA ARG A 30 -4.52 1.21 4.63
C ARG A 30 -4.94 2.11 5.77
N THR A 31 -5.94 1.68 6.51
CA THR A 31 -6.45 2.45 7.63
C THR A 31 -6.94 1.52 8.75
N GLY A 1 -4.08 -1.33 -14.96
CA GLY A 1 -4.60 -0.16 -15.73
C GLY A 1 -3.76 1.09 -15.52
N SER A 2 -4.43 2.18 -15.17
CA SER A 2 -3.74 3.45 -14.94
C SER A 2 -3.54 3.70 -13.45
N THR A 3 -2.30 3.59 -12.99
CA THR A 3 -1.98 3.81 -11.59
C THR A 3 -2.12 5.27 -11.21
N SER A 4 -2.90 5.55 -10.17
CA SER A 4 -3.12 6.91 -9.72
C SER A 4 -1.97 7.38 -8.83
N ALA A 5 -1.93 6.88 -7.60
CA ALA A 5 -0.89 7.24 -6.64
C ALA A 5 -0.74 6.19 -5.55
N MET A 6 0.48 5.68 -5.39
CA MET A 6 0.75 4.67 -4.38
C MET A 6 0.74 5.27 -2.98
N TRP A 7 0.96 4.45 -1.97
CA TRP A 7 0.98 4.92 -0.59
C TRP A 7 2.09 4.26 0.21
N ALA A 8 2.44 4.88 1.33
CA ALA A 8 3.48 4.36 2.21
C ALA A 8 2.87 3.82 3.50
N CYS A 9 3.02 2.53 3.72
CA CYS A 9 2.47 1.89 4.91
C CYS A 9 3.16 2.39 6.17
N GLN A 10 2.50 2.20 7.31
CA GLN A 10 3.05 2.61 8.59
C GLN A 10 3.25 1.41 9.50
N HIS A 11 3.60 0.27 8.92
CA HIS A 11 3.83 -0.95 9.68
C HIS A 11 5.07 -1.65 9.14
N CYS A 12 5.03 -1.99 7.86
CA CYS A 12 6.15 -2.64 7.21
C CYS A 12 7.11 -1.57 6.71
N THR A 13 6.55 -0.43 6.29
CA THR A 13 7.31 0.71 5.78
C THR A 13 7.69 0.54 4.32
N PHE A 14 6.79 -0.05 3.54
CA PHE A 14 7.01 -0.25 2.12
C PHE A 14 5.95 0.47 1.31
N MET A 15 6.20 0.60 0.02
CA MET A 15 5.27 1.27 -0.87
C MET A 15 4.23 0.29 -1.36
N ASN A 16 3.06 0.80 -1.66
CA ASN A 16 1.95 -0.02 -2.09
C ASN A 16 1.17 0.63 -3.23
N GLN A 17 0.54 -0.20 -4.06
CA GLN A 17 -0.24 0.30 -5.19
C GLN A 17 -1.47 1.08 -4.71
N PRO A 18 -2.06 1.89 -5.60
CA PRO A 18 -3.25 2.69 -5.28
C PRO A 18 -4.52 1.87 -5.13
N GLY A 19 -4.44 0.58 -5.48
CA GLY A 19 -5.59 -0.29 -5.37
C GLY A 19 -5.43 -1.32 -4.27
N THR A 20 -4.21 -1.45 -3.78
CA THR A 20 -3.91 -2.41 -2.72
C THR A 20 -4.01 -1.75 -1.35
N GLY A 21 -5.17 -1.22 -1.04
CA GLY A 21 -5.37 -0.58 0.26
C GLY A 21 -4.77 -1.39 1.40
N HIS A 22 -4.75 -2.71 1.23
CA HIS A 22 -4.18 -3.57 2.24
C HIS A 22 -2.66 -3.44 2.23
N CYS A 23 -1.95 -4.48 1.80
CA CYS A 23 -0.50 -4.43 1.73
C CYS A 23 0.10 -5.77 1.33
N GLU A 24 1.29 -5.73 0.75
CA GLU A 24 1.98 -6.93 0.32
C GLU A 24 3.15 -7.22 1.26
N MET A 25 3.05 -6.71 2.49
CA MET A 25 4.09 -6.92 3.48
C MET A 25 3.48 -7.35 4.80
N CYS A 26 2.63 -6.49 5.37
CA CYS A 26 1.98 -6.81 6.62
C CYS A 26 0.73 -7.65 6.39
N SER A 27 -0.13 -7.19 5.47
CA SER A 27 -1.39 -7.87 5.14
C SER A 27 -2.52 -7.23 5.92
N LEU A 28 -2.39 -5.93 6.08
CA LEU A 28 -3.35 -5.13 6.82
C LEU A 28 -3.94 -4.05 5.91
N PRO A 29 -4.98 -3.36 6.39
CA PRO A 29 -5.65 -2.30 5.63
C PRO A 29 -4.87 -0.99 5.66
N ARG A 30 -5.18 -0.10 4.72
CA ARG A 30 -4.52 1.20 4.64
C ARG A 30 -4.94 2.11 5.78
N THR A 31 -5.95 1.67 6.52
CA THR A 31 -6.46 2.44 7.64
C THR A 31 -6.95 1.51 8.76
N GLY A 1 -2.40 -1.24 -16.24
CA GLY A 1 -1.46 -0.11 -16.43
C GLY A 1 -2.01 1.20 -15.88
N SER A 2 -1.19 2.24 -15.95
CA SER A 2 -1.60 3.56 -15.47
C SER A 2 -1.93 3.51 -13.98
N THR A 3 -1.02 4.02 -13.17
CA THR A 3 -1.21 4.04 -11.72
C THR A 3 -1.51 5.45 -11.22
N SER A 4 -2.54 5.56 -10.38
CA SER A 4 -2.93 6.86 -9.83
C SER A 4 -1.88 7.39 -8.87
N ALA A 5 -1.89 6.86 -7.66
CA ALA A 5 -0.92 7.28 -6.63
C ALA A 5 -0.77 6.22 -5.56
N MET A 6 0.45 5.72 -5.39
CA MET A 6 0.72 4.70 -4.38
C MET A 6 0.71 5.31 -2.98
N TRP A 7 0.93 4.46 -1.98
CA TRP A 7 0.96 4.93 -0.60
C TRP A 7 2.06 4.26 0.19
N ALA A 8 2.41 4.88 1.32
CA ALA A 8 3.45 4.35 2.19
C ALA A 8 2.85 3.82 3.49
N CYS A 9 3.01 2.53 3.72
CA CYS A 9 2.47 1.89 4.91
C CYS A 9 3.16 2.40 6.17
N GLN A 10 2.51 2.19 7.31
CA GLN A 10 3.06 2.61 8.59
C GLN A 10 3.25 1.42 9.51
N HIS A 11 3.60 0.27 8.93
CA HIS A 11 3.83 -0.94 9.69
C HIS A 11 5.07 -1.65 9.15
N CYS A 12 5.02 -2.00 7.87
CA CYS A 12 6.13 -2.65 7.22
C CYS A 12 7.11 -1.58 6.71
N THR A 13 6.54 -0.45 6.30
CA THR A 13 7.31 0.69 5.80
C THR A 13 7.69 0.52 4.33
N PHE A 14 6.78 -0.05 3.55
CA PHE A 14 7.01 -0.27 2.14
C PHE A 14 5.96 0.46 1.32
N MET A 15 6.22 0.59 0.03
CA MET A 15 5.30 1.27 -0.87
C MET A 15 4.25 0.29 -1.36
N ASN A 16 3.07 0.82 -1.66
CA ASN A 16 1.97 -0.01 -2.09
C ASN A 16 1.19 0.64 -3.23
N GLN A 17 0.55 -0.18 -4.06
CA GLN A 17 -0.22 0.31 -5.19
C GLN A 17 -1.45 1.09 -4.72
N PRO A 18 -2.05 1.90 -5.61
CA PRO A 18 -3.23 2.71 -5.29
C PRO A 18 -4.51 1.86 -5.14
N GLY A 19 -4.42 0.58 -5.48
CA GLY A 19 -5.57 -0.28 -5.38
C GLY A 19 -5.43 -1.32 -4.27
N THR A 20 -4.20 -1.46 -3.78
CA THR A 20 -3.90 -2.41 -2.71
C THR A 20 -4.00 -1.74 -1.35
N GLY A 21 -5.16 -1.20 -1.03
CA GLY A 21 -5.33 -0.54 0.25
C GLY A 21 -4.75 -1.35 1.39
N HIS A 22 -4.76 -2.67 1.24
CA HIS A 22 -4.19 -3.54 2.26
C HIS A 22 -2.68 -3.42 2.25
N CYS A 23 -1.98 -4.48 1.82
CA CYS A 23 -0.52 -4.43 1.76
C CYS A 23 0.05 -5.79 1.36
N GLU A 24 1.23 -5.76 0.75
CA GLU A 24 1.91 -6.97 0.33
C GLU A 24 3.10 -7.24 1.24
N MET A 25 3.03 -6.73 2.47
CA MET A 25 4.08 -6.92 3.45
C MET A 25 3.49 -7.34 4.78
N CYS A 26 2.64 -6.48 5.35
CA CYS A 26 2.00 -6.79 6.61
C CYS A 26 0.75 -7.64 6.41
N SER A 27 -0.11 -7.20 5.49
CA SER A 27 -1.37 -7.89 5.19
C SER A 27 -2.49 -7.24 5.98
N LEU A 28 -2.36 -5.93 6.12
CA LEU A 28 -3.30 -5.13 6.86
C LEU A 28 -3.95 -4.08 5.97
N PRO A 29 -4.95 -3.37 6.46
CA PRO A 29 -5.65 -2.33 5.70
C PRO A 29 -4.83 -1.03 5.61
N ARG A 30 -5.24 -0.16 4.68
CA ARG A 30 -4.55 1.11 4.49
C ARG A 30 -4.80 2.06 5.64
N THR A 31 -5.71 1.67 6.51
CA THR A 31 -6.06 2.49 7.67
C THR A 31 -6.42 1.61 8.86
N GLY A 1 4.33 2.08 -16.45
CA GLY A 1 2.85 1.91 -16.37
C GLY A 1 2.15 3.19 -15.94
N SER A 2 2.74 3.89 -14.98
CA SER A 2 2.16 5.13 -14.49
C SER A 2 0.78 4.89 -13.88
N THR A 3 0.75 4.66 -12.58
CA THR A 3 -0.51 4.41 -11.88
C THR A 3 -1.10 5.71 -11.34
N SER A 4 -2.11 5.59 -10.48
CA SER A 4 -2.75 6.75 -9.89
C SER A 4 -1.87 7.38 -8.82
N ALA A 5 -1.88 6.78 -7.63
CA ALA A 5 -1.08 7.29 -6.52
C ALA A 5 -0.85 6.21 -5.47
N MET A 6 0.39 5.75 -5.36
CA MET A 6 0.74 4.73 -4.39
C MET A 6 0.74 5.30 -2.98
N TRP A 7 0.92 4.44 -1.99
CA TRP A 7 0.95 4.88 -0.61
C TRP A 7 2.05 4.21 0.18
N ALA A 8 2.41 4.82 1.31
CA ALA A 8 3.45 4.29 2.17
C ALA A 8 2.86 3.79 3.49
N CYS A 9 3.01 2.49 3.72
CA CYS A 9 2.47 1.88 4.94
C CYS A 9 3.18 2.39 6.18
N GLN A 10 2.56 2.18 7.33
CA GLN A 10 3.14 2.61 8.60
C GLN A 10 3.36 1.41 9.52
N HIS A 11 3.68 0.26 8.93
CA HIS A 11 3.93 -0.95 9.70
C HIS A 11 5.14 -1.66 9.12
N CYS A 12 5.03 -2.03 7.85
CA CYS A 12 6.12 -2.68 7.15
C CYS A 12 7.07 -1.63 6.61
N THR A 13 6.52 -0.46 6.33
CA THR A 13 7.28 0.68 5.81
C THR A 13 7.67 0.47 4.35
N PHE A 14 6.73 -0.04 3.56
CA PHE A 14 6.97 -0.28 2.16
C PHE A 14 5.96 0.50 1.31
N MET A 15 6.25 0.59 0.03
CA MET A 15 5.37 1.30 -0.90
C MET A 15 4.28 0.35 -1.39
N ASN A 16 3.12 0.91 -1.67
CA ASN A 16 2.00 0.11 -2.11
C ASN A 16 1.22 0.80 -3.22
N GLN A 17 0.67 -0.01 -4.14
CA GLN A 17 -0.12 0.52 -5.25
C GLN A 17 -1.40 1.19 -4.76
N PRO A 18 -2.05 1.98 -5.63
CA PRO A 18 -3.29 2.69 -5.28
C PRO A 18 -4.51 1.77 -5.22
N GLY A 19 -4.33 0.50 -5.55
CA GLY A 19 -5.43 -0.45 -5.52
C GLY A 19 -5.32 -1.42 -4.37
N THR A 20 -4.13 -1.55 -3.81
CA THR A 20 -3.88 -2.46 -2.71
C THR A 20 -3.99 -1.74 -1.37
N GLY A 21 -5.20 -1.31 -1.02
CA GLY A 21 -5.38 -0.63 0.24
C GLY A 21 -4.80 -1.43 1.39
N HIS A 22 -4.79 -2.74 1.26
CA HIS A 22 -4.23 -3.60 2.29
C HIS A 22 -2.71 -3.47 2.28
N CYS A 23 -1.99 -4.51 1.85
CA CYS A 23 -0.54 -4.45 1.80
C CYS A 23 0.05 -5.80 1.43
N GLU A 24 1.17 -5.77 0.71
CA GLU A 24 1.87 -6.97 0.31
C GLU A 24 3.05 -7.23 1.23
N MET A 25 2.96 -6.73 2.46
CA MET A 25 4.02 -6.91 3.43
C MET A 25 3.42 -7.32 4.78
N CYS A 26 2.62 -6.45 5.37
CA CYS A 26 2.00 -6.75 6.64
C CYS A 26 0.75 -7.61 6.44
N SER A 27 -0.12 -7.18 5.53
CA SER A 27 -1.38 -7.87 5.24
C SER A 27 -2.51 -7.21 6.02
N LEU A 28 -2.39 -5.89 6.14
CA LEU A 28 -3.33 -5.09 6.87
C LEU A 28 -3.94 -4.03 5.96
N PRO A 29 -4.97 -3.33 6.44
CA PRO A 29 -5.65 -2.28 5.67
C PRO A 29 -4.88 -0.96 5.67
N ARG A 30 -5.19 -0.10 4.71
CA ARG A 30 -4.55 1.21 4.60
C ARG A 30 -4.97 2.13 5.74
N THR A 31 -5.97 1.71 6.47
CA THR A 31 -6.49 2.49 7.58
C THR A 31 -6.98 1.57 8.71
N GLY A 1 1.24 7.15 -16.74
CA GLY A 1 0.00 6.79 -17.50
C GLY A 1 -0.98 6.01 -16.64
N SER A 2 -0.52 4.93 -16.04
CA SER A 2 -1.37 4.11 -15.18
C SER A 2 -1.05 4.33 -13.71
N THR A 3 -1.84 3.71 -12.83
CA THR A 3 -1.63 3.83 -11.40
C THR A 3 -1.77 5.29 -10.96
N SER A 4 -2.84 5.58 -10.22
CA SER A 4 -3.09 6.92 -9.74
C SER A 4 -1.96 7.41 -8.83
N ALA A 5 -1.92 6.89 -7.61
CA ALA A 5 -0.89 7.26 -6.65
C ALA A 5 -0.75 6.20 -5.56
N MET A 6 0.47 5.70 -5.39
CA MET A 6 0.74 4.68 -4.39
C MET A 6 0.72 5.28 -2.98
N TRP A 7 0.94 4.44 -1.98
CA TRP A 7 0.96 4.91 -0.60
C TRP A 7 2.07 4.24 0.20
N ALA A 8 2.42 4.86 1.32
CA ALA A 8 3.46 4.34 2.20
C ALA A 8 2.85 3.81 3.49
N CYS A 9 3.01 2.51 3.72
CA CYS A 9 2.47 1.88 4.91
C CYS A 9 3.15 2.38 6.17
N GLN A 10 2.49 2.19 7.30
CA GLN A 10 3.04 2.61 8.58
C GLN A 10 3.25 1.41 9.50
N HIS A 11 3.60 0.27 8.92
CA HIS A 11 3.83 -0.95 9.68
C HIS A 11 5.07 -1.65 9.14
N CYS A 12 5.03 -1.99 7.86
CA CYS A 12 6.15 -2.64 7.21
C CYS A 12 7.11 -1.58 6.70
N THR A 13 6.54 -0.44 6.29
CA THR A 13 7.30 0.71 5.78
C THR A 13 7.69 0.53 4.31
N PHE A 14 6.78 -0.05 3.54
CA PHE A 14 7.01 -0.26 2.12
C PHE A 14 5.96 0.48 1.31
N MET A 15 6.22 0.61 0.02
CA MET A 15 5.30 1.28 -0.88
C MET A 15 4.25 0.31 -1.37
N ASN A 16 3.08 0.83 -1.67
CA ASN A 16 1.97 0.00 -2.10
C ASN A 16 1.19 0.66 -3.24
N GLN A 17 0.57 -0.16 -4.08
CA GLN A 17 -0.22 0.34 -5.20
C GLN A 17 -1.45 1.10 -4.72
N PRO A 18 -2.07 1.90 -5.61
CA PRO A 18 -3.26 2.69 -5.28
C PRO A 18 -4.52 1.84 -5.13
N GLY A 19 -4.43 0.57 -5.49
CA GLY A 19 -5.58 -0.32 -5.39
C GLY A 19 -5.43 -1.34 -4.28
N THR A 20 -4.20 -1.48 -3.79
CA THR A 20 -3.91 -2.42 -2.72
C THR A 20 -3.99 -1.76 -1.36
N GLY A 21 -5.17 -1.24 -1.02
CA GLY A 21 -5.34 -0.59 0.27
C GLY A 21 -4.76 -1.40 1.40
N HIS A 22 -4.75 -2.72 1.24
CA HIS A 22 -4.19 -3.59 2.25
C HIS A 22 -2.66 -3.46 2.25
N CYS A 23 -1.95 -4.49 1.81
CA CYS A 23 -0.49 -4.44 1.75
C CYS A 23 0.10 -5.79 1.35
N GLU A 24 1.28 -5.74 0.74
CA GLU A 24 1.97 -6.94 0.32
C GLU A 24 3.15 -7.22 1.26
N MET A 25 3.05 -6.73 2.48
CA MET A 25 4.09 -6.93 3.49
C MET A 25 3.46 -7.36 4.80
N CYS A 26 2.63 -6.51 5.37
CA CYS A 26 1.97 -6.82 6.63
C CYS A 26 0.73 -7.67 6.38
N SER A 27 -0.14 -7.20 5.48
CA SER A 27 -1.40 -7.88 5.14
C SER A 27 -2.53 -7.22 5.92
N LEU A 28 -2.40 -5.92 6.08
CA LEU A 28 -3.36 -5.13 6.81
C LEU A 28 -3.94 -4.04 5.91
N PRO A 29 -4.99 -3.35 6.38
CA PRO A 29 -5.63 -2.28 5.63
C PRO A 29 -4.87 -0.96 5.70
N ARG A 30 -5.14 -0.07 4.75
CA ARG A 30 -4.48 1.23 4.70
C ARG A 30 -4.97 2.13 5.82
N THR A 31 -6.01 1.69 6.51
CA THR A 31 -6.59 2.44 7.60
C THR A 31 -7.14 1.51 8.67
N GLY A 1 -0.39 -0.21 -15.21
CA GLY A 1 0.03 0.54 -16.42
C GLY A 1 0.30 2.00 -16.12
N SER A 2 -0.75 2.73 -15.75
CA SER A 2 -0.63 4.15 -15.43
C SER A 2 -0.55 4.37 -13.92
N THR A 3 -1.48 3.76 -13.20
CA THR A 3 -1.52 3.88 -11.75
C THR A 3 -1.79 5.33 -11.33
N SER A 4 -2.61 5.49 -10.30
CA SER A 4 -2.95 6.83 -9.81
C SER A 4 -1.86 7.34 -8.86
N ALA A 5 -1.86 6.82 -7.64
CA ALA A 5 -0.87 7.24 -6.65
C ALA A 5 -0.73 6.17 -5.56
N MET A 6 0.50 5.68 -5.39
CA MET A 6 0.78 4.66 -4.39
C MET A 6 0.76 5.27 -2.99
N TRP A 7 0.96 4.42 -1.98
CA TRP A 7 0.97 4.90 -0.60
C TRP A 7 2.08 4.23 0.21
N ALA A 8 2.42 4.86 1.32
CA ALA A 8 3.46 4.35 2.21
C ALA A 8 2.86 3.82 3.50
N CYS A 9 3.00 2.52 3.73
CA CYS A 9 2.46 1.89 4.91
C CYS A 9 3.14 2.38 6.17
N GLN A 10 2.49 2.19 7.30
CA GLN A 10 3.04 2.61 8.59
C GLN A 10 3.24 1.41 9.50
N HIS A 11 3.60 0.27 8.91
CA HIS A 11 3.83 -0.96 9.67
C HIS A 11 5.07 -1.64 9.13
N CYS A 12 5.03 -1.99 7.85
CA CYS A 12 6.14 -2.63 7.20
C CYS A 12 7.12 -1.56 6.70
N THR A 13 6.55 -0.43 6.29
CA THR A 13 7.31 0.71 5.78
C THR A 13 7.69 0.54 4.31
N PHE A 14 6.77 -0.04 3.54
CA PHE A 14 7.01 -0.25 2.12
C PHE A 14 5.95 0.49 1.30
N MET A 15 6.22 0.62 0.02
CA MET A 15 5.30 1.29 -0.88
C MET A 15 4.25 0.32 -1.37
N ASN A 16 3.06 0.84 -1.67
CA ASN A 16 1.97 0.01 -2.11
C ASN A 16 1.17 0.67 -3.23
N GLN A 17 0.56 -0.15 -4.07
CA GLN A 17 -0.23 0.34 -5.20
C GLN A 17 -1.47 1.11 -4.71
N PRO A 18 -2.09 1.91 -5.60
CA PRO A 18 -3.28 2.70 -5.26
C PRO A 18 -4.54 1.85 -5.13
N GLY A 19 -4.44 0.57 -5.48
CA GLY A 19 -5.59 -0.31 -5.39
C GLY A 19 -5.44 -1.34 -4.28
N THR A 20 -4.21 -1.48 -3.78
CA THR A 20 -3.92 -2.43 -2.71
C THR A 20 -4.00 -1.76 -1.36
N GLY A 21 -5.18 -1.24 -1.02
CA GLY A 21 -5.35 -0.60 0.27
C GLY A 21 -4.76 -1.40 1.40
N HIS A 22 -4.74 -2.72 1.24
CA HIS A 22 -4.18 -3.59 2.26
C HIS A 22 -2.66 -3.46 2.25
N CYS A 23 -1.95 -4.49 1.81
CA CYS A 23 -0.50 -4.44 1.74
C CYS A 23 0.10 -5.77 1.34
N GLU A 24 1.29 -5.72 0.74
CA GLU A 24 1.98 -6.92 0.31
C GLU A 24 3.15 -7.22 1.25
N MET A 25 3.04 -6.72 2.48
CA MET A 25 4.09 -6.91 3.48
C MET A 25 3.47 -7.35 4.79
N CYS A 26 2.63 -6.51 5.37
CA CYS A 26 1.97 -6.82 6.62
C CYS A 26 0.73 -7.67 6.38
N SER A 27 -0.14 -7.20 5.47
CA SER A 27 -1.40 -7.88 5.14
C SER A 27 -2.53 -7.23 5.91
N LEU A 28 -2.40 -5.92 6.08
CA LEU A 28 -3.37 -5.13 6.81
C LEU A 28 -3.93 -4.05 5.91
N PRO A 29 -4.99 -3.36 6.38
CA PRO A 29 -5.64 -2.28 5.63
C PRO A 29 -4.88 -0.97 5.71
N ARG A 30 -5.13 -0.07 4.76
CA ARG A 30 -4.48 1.24 4.73
C ARG A 30 -5.00 2.13 5.85
N THR A 31 -6.04 1.67 6.51
CA THR A 31 -6.63 2.43 7.61
C THR A 31 -7.19 1.49 8.67
N GLY A 1 -4.89 -1.06 -16.70
CA GLY A 1 -3.57 -0.41 -16.52
C GLY A 1 -3.69 0.98 -15.89
N SER A 2 -4.75 1.17 -15.10
CA SER A 2 -4.98 2.45 -14.45
C SER A 2 -4.33 2.48 -13.07
N THR A 3 -3.84 3.65 -12.68
CA THR A 3 -3.18 3.81 -11.38
C THR A 3 -3.07 5.27 -11.01
N SER A 4 -3.52 5.63 -9.81
CA SER A 4 -3.46 7.00 -9.34
C SER A 4 -2.12 7.29 -8.68
N ALA A 5 -1.95 6.82 -7.44
CA ALA A 5 -0.72 7.03 -6.71
C ALA A 5 -0.55 6.00 -5.59
N MET A 6 0.68 5.52 -5.41
CA MET A 6 0.96 4.53 -4.38
C MET A 6 0.91 5.17 -3.00
N TRP A 7 1.03 4.34 -1.96
CA TRP A 7 1.02 4.84 -0.60
C TRP A 7 2.11 4.19 0.24
N ALA A 8 2.46 4.86 1.33
CA ALA A 8 3.49 4.37 2.24
C ALA A 8 2.87 3.84 3.52
N CYS A 9 3.00 2.54 3.74
CA CYS A 9 2.45 1.91 4.93
C CYS A 9 3.14 2.38 6.20
N GLN A 10 2.48 2.19 7.33
CA GLN A 10 3.03 2.60 8.61
C GLN A 10 3.24 1.39 9.52
N HIS A 11 3.59 0.26 8.91
CA HIS A 11 3.83 -0.97 9.66
C HIS A 11 5.06 -1.67 9.10
N CYS A 12 5.02 -2.00 7.82
CA CYS A 12 6.12 -2.65 7.15
C CYS A 12 7.09 -1.59 6.65
N THR A 13 6.53 -0.44 6.25
CA THR A 13 7.31 0.70 5.76
C THR A 13 7.68 0.53 4.29
N PHE A 14 6.76 -0.03 3.52
CA PHE A 14 6.98 -0.23 2.10
C PHE A 14 5.93 0.53 1.29
N MET A 15 6.20 0.68 0.00
CA MET A 15 5.29 1.38 -0.90
C MET A 15 4.23 0.43 -1.40
N ASN A 16 3.05 0.96 -1.65
CA ASN A 16 1.93 0.15 -2.10
C ASN A 16 1.12 0.85 -3.18
N GLN A 17 0.59 0.07 -4.12
CA GLN A 17 -0.21 0.61 -5.21
C GLN A 17 -1.50 1.24 -4.70
N PRO A 18 -2.18 2.04 -5.53
CA PRO A 18 -3.44 2.72 -5.16
C PRO A 18 -4.63 1.77 -5.12
N GLY A 19 -4.42 0.52 -5.49
CA GLY A 19 -5.50 -0.44 -5.48
C GLY A 19 -5.38 -1.44 -4.36
N THR A 20 -4.18 -1.54 -3.80
CA THR A 20 -3.91 -2.46 -2.71
C THR A 20 -4.03 -1.76 -1.36
N GLY A 21 -5.23 -1.32 -1.01
CA GLY A 21 -5.42 -0.65 0.26
C GLY A 21 -4.82 -1.44 1.40
N HIS A 22 -4.79 -2.76 1.26
CA HIS A 22 -4.23 -3.62 2.28
C HIS A 22 -2.71 -3.48 2.27
N CYS A 23 -1.98 -4.51 1.84
CA CYS A 23 -0.53 -4.44 1.78
C CYS A 23 0.07 -5.79 1.40
N GLU A 24 1.20 -5.73 0.71
CA GLU A 24 1.90 -6.94 0.29
C GLU A 24 3.09 -7.20 1.21
N MET A 25 3.00 -6.70 2.44
CA MET A 25 4.07 -6.87 3.41
C MET A 25 3.48 -7.31 4.75
N CYS A 26 2.63 -6.47 5.33
CA CYS A 26 2.01 -6.80 6.60
C CYS A 26 0.76 -7.64 6.39
N SER A 27 -0.12 -7.19 5.50
CA SER A 27 -1.37 -7.88 5.19
C SER A 27 -2.50 -7.22 5.98
N LEU A 28 -2.37 -5.91 6.12
CA LEU A 28 -3.33 -5.11 6.85
C LEU A 28 -3.93 -4.05 5.95
N PRO A 29 -4.97 -3.35 6.42
CA PRO A 29 -5.64 -2.30 5.66
C PRO A 29 -4.86 -0.97 5.69
N ARG A 30 -5.18 -0.10 4.74
CA ARG A 30 -4.52 1.20 4.65
C ARG A 30 -4.95 2.12 5.78
N THR A 31 -5.96 1.68 6.52
CA THR A 31 -6.48 2.46 7.62
C THR A 31 -6.98 1.54 8.74
N GLY A 1 0.87 2.92 -16.39
CA GLY A 1 -0.23 3.70 -17.03
C GLY A 1 -1.39 3.94 -16.07
N SER A 2 -2.52 3.30 -16.36
CA SER A 2 -3.70 3.45 -15.52
C SER A 2 -3.42 2.99 -14.09
N THR A 3 -2.97 3.92 -13.26
CA THR A 3 -2.66 3.62 -11.87
C THR A 3 -2.54 4.90 -11.05
N SER A 4 -3.44 5.06 -10.08
CA SER A 4 -3.42 6.24 -9.22
C SER A 4 -2.11 6.35 -8.46
N ALA A 5 -2.08 7.21 -7.45
CA ALA A 5 -0.89 7.40 -6.64
C ALA A 5 -0.77 6.31 -5.57
N MET A 6 0.44 5.79 -5.40
CA MET A 6 0.70 4.75 -4.42
C MET A 6 0.66 5.32 -3.00
N TRP A 7 0.89 4.46 -2.02
CA TRP A 7 0.90 4.89 -0.62
C TRP A 7 2.01 4.22 0.16
N ALA A 8 2.34 4.83 1.29
CA ALA A 8 3.39 4.31 2.17
C ALA A 8 2.80 3.79 3.47
N CYS A 9 2.98 2.50 3.72
CA CYS A 9 2.46 1.87 4.93
C CYS A 9 3.16 2.40 6.17
N GLN A 10 2.53 2.18 7.32
CA GLN A 10 3.08 2.61 8.59
C GLN A 10 3.29 1.41 9.52
N HIS A 11 3.64 0.26 8.94
CA HIS A 11 3.87 -0.94 9.70
C HIS A 11 5.09 -1.66 9.15
N CYS A 12 5.02 -2.03 7.88
CA CYS A 12 6.12 -2.68 7.22
C CYS A 12 7.09 -1.63 6.70
N THR A 13 6.53 -0.49 6.30
CA THR A 13 7.30 0.65 5.80
C THR A 13 7.67 0.47 4.32
N PHE A 14 6.76 -0.10 3.55
CA PHE A 14 6.98 -0.31 2.13
C PHE A 14 5.95 0.45 1.32
N MET A 15 6.23 0.59 0.03
CA MET A 15 5.33 1.28 -0.87
C MET A 15 4.28 0.33 -1.39
N ASN A 16 3.11 0.86 -1.67
CA ASN A 16 2.01 0.04 -2.14
C ASN A 16 1.22 0.72 -3.26
N GLN A 17 0.66 -0.09 -4.15
CA GLN A 17 -0.12 0.43 -5.27
C GLN A 17 -1.39 1.13 -4.79
N PRO A 18 -2.03 1.93 -5.67
CA PRO A 18 -3.25 2.66 -5.33
C PRO A 18 -4.49 1.77 -5.25
N GLY A 19 -4.32 0.49 -5.58
CA GLY A 19 -5.45 -0.43 -5.54
C GLY A 19 -5.36 -1.39 -4.37
N THR A 20 -4.15 -1.56 -3.83
CA THR A 20 -3.93 -2.45 -2.71
C THR A 20 -3.99 -1.69 -1.39
N GLY A 21 -5.19 -1.29 -0.98
CA GLY A 21 -5.33 -0.58 0.27
C GLY A 21 -4.75 -1.36 1.42
N HIS A 22 -4.79 -2.69 1.30
CA HIS A 22 -4.23 -3.55 2.33
C HIS A 22 -2.71 -3.44 2.32
N CYS A 23 -2.01 -4.49 1.88
CA CYS A 23 -0.56 -4.45 1.82
C CYS A 23 0.01 -5.81 1.43
N GLU A 24 1.17 -5.77 0.76
CA GLU A 24 1.84 -6.99 0.34
C GLU A 24 3.05 -7.24 1.25
N MET A 25 2.98 -6.73 2.47
CA MET A 25 4.05 -6.91 3.43
C MET A 25 3.48 -7.33 4.78
N CYS A 26 2.63 -6.49 5.35
CA CYS A 26 2.02 -6.79 6.63
C CYS A 26 0.76 -7.63 6.44
N SER A 27 -0.12 -7.19 5.52
CA SER A 27 -1.38 -7.88 5.24
C SER A 27 -2.48 -7.21 6.05
N LEU A 28 -2.35 -5.90 6.18
CA LEU A 28 -3.28 -5.09 6.93
C LEU A 28 -3.92 -4.05 6.02
N PRO A 29 -4.93 -3.32 6.54
CA PRO A 29 -5.63 -2.29 5.77
C PRO A 29 -4.81 -1.02 5.62
N ARG A 30 -5.22 -0.16 4.69
CA ARG A 30 -4.53 1.11 4.45
C ARG A 30 -4.76 2.09 5.59
N THR A 31 -5.65 1.72 6.49
CA THR A 31 -5.97 2.57 7.63
C THR A 31 -6.32 1.72 8.85
N GLY A 1 -0.51 6.26 -16.27
CA GLY A 1 -1.71 6.22 -17.15
C GLY A 1 -2.91 5.59 -16.48
N SER A 2 -2.72 4.39 -15.94
CA SER A 2 -3.80 3.67 -15.27
C SER A 2 -3.68 3.82 -13.74
N THR A 3 -2.45 3.90 -13.26
CA THR A 3 -2.20 4.04 -11.83
C THR A 3 -2.30 5.50 -11.40
N SER A 4 -2.86 5.73 -10.22
CA SER A 4 -3.01 7.08 -9.70
C SER A 4 -1.81 7.46 -8.83
N ALA A 5 -1.78 6.95 -7.61
CA ALA A 5 -0.68 7.24 -6.69
C ALA A 5 -0.58 6.18 -5.60
N MET A 6 0.62 5.65 -5.41
CA MET A 6 0.85 4.62 -4.40
C MET A 6 0.81 5.22 -3.00
N TRP A 7 0.98 4.38 -1.99
CA TRP A 7 0.97 4.85 -0.61
C TRP A 7 2.07 4.19 0.21
N ALA A 8 2.42 4.84 1.31
CA ALA A 8 3.45 4.35 2.21
C ALA A 8 2.85 3.82 3.50
N CYS A 9 2.99 2.53 3.73
CA CYS A 9 2.45 1.89 4.92
C CYS A 9 3.15 2.39 6.18
N GLN A 10 2.50 2.19 7.32
CA GLN A 10 3.06 2.61 8.60
C GLN A 10 3.27 1.40 9.51
N HIS A 11 3.61 0.26 8.92
CA HIS A 11 3.86 -0.95 9.68
C HIS A 11 5.08 -1.66 9.12
N CYS A 12 5.02 -2.00 7.85
CA CYS A 12 6.13 -2.64 7.18
C CYS A 12 7.09 -1.59 6.66
N THR A 13 6.53 -0.45 6.26
CA THR A 13 7.31 0.69 5.76
C THR A 13 7.68 0.51 4.29
N PHE A 14 6.75 -0.05 3.51
CA PHE A 14 6.97 -0.26 2.10
C PHE A 14 5.95 0.50 1.29
N MET A 15 6.21 0.64 0.00
CA MET A 15 5.31 1.34 -0.90
C MET A 15 4.23 0.40 -1.40
N ASN A 16 3.06 0.94 -1.65
CA ASN A 16 1.94 0.13 -2.10
C ASN A 16 1.13 0.83 -3.18
N GLN A 17 0.60 0.05 -4.12
CA GLN A 17 -0.20 0.59 -5.21
C GLN A 17 -1.50 1.23 -4.69
N PRO A 18 -2.17 2.03 -5.53
CA PRO A 18 -3.42 2.70 -5.15
C PRO A 18 -4.63 1.77 -5.11
N GLY A 19 -4.41 0.51 -5.49
CA GLY A 19 -5.50 -0.46 -5.48
C GLY A 19 -5.37 -1.46 -4.34
N THR A 20 -4.18 -1.57 -3.80
CA THR A 20 -3.92 -2.49 -2.70
C THR A 20 -4.02 -1.78 -1.36
N GLY A 21 -5.21 -1.33 -1.02
CA GLY A 21 -5.40 -0.66 0.26
C GLY A 21 -4.80 -1.44 1.40
N HIS A 22 -4.79 -2.77 1.26
CA HIS A 22 -4.23 -3.62 2.28
C HIS A 22 -2.70 -3.49 2.28
N CYS A 23 -1.99 -4.52 1.85
CA CYS A 23 -0.54 -4.46 1.79
C CYS A 23 0.06 -5.80 1.41
N GLU A 24 1.19 -5.76 0.72
CA GLU A 24 1.89 -6.96 0.31
C GLU A 24 3.09 -7.22 1.22
N MET A 25 3.00 -6.71 2.46
CA MET A 25 4.06 -6.88 3.43
C MET A 25 3.48 -7.32 4.76
N CYS A 26 2.63 -6.47 5.35
CA CYS A 26 2.01 -6.79 6.61
C CYS A 26 0.77 -7.65 6.41
N SER A 27 -0.12 -7.19 5.51
CA SER A 27 -1.38 -7.88 5.22
C SER A 27 -2.50 -7.22 6.00
N LEU A 28 -2.37 -5.91 6.14
CA LEU A 28 -3.32 -5.11 6.87
C LEU A 28 -3.93 -4.05 5.95
N PRO A 29 -4.97 -3.35 6.43
CA PRO A 29 -5.64 -2.30 5.66
C PRO A 29 -4.87 -0.98 5.67
N ARG A 30 -5.19 -0.11 4.72
CA ARG A 30 -4.53 1.18 4.62
C ARG A 30 -4.95 2.11 5.75
N THR A 31 -5.96 1.68 6.49
CA THR A 31 -6.47 2.46 7.60
C THR A 31 -6.95 1.55 8.73
N GLY A 1 6.82 0.22 -10.52
CA GLY A 1 5.74 0.48 -11.51
C GLY A 1 4.55 1.19 -10.91
N SER A 2 4.40 2.47 -11.24
CA SER A 2 3.28 3.26 -10.72
C SER A 2 2.10 3.21 -11.67
N THR A 3 0.89 3.22 -11.11
CA THR A 3 -0.32 3.17 -11.91
C THR A 3 -1.14 4.45 -11.72
N SER A 4 -1.21 4.93 -10.49
CA SER A 4 -1.96 6.14 -10.18
C SER A 4 -1.31 6.90 -9.03
N ALA A 5 -1.41 6.36 -7.82
CA ALA A 5 -0.83 6.98 -6.65
C ALA A 5 -0.62 5.96 -5.53
N MET A 6 0.61 5.52 -5.36
CA MET A 6 0.94 4.55 -4.33
C MET A 6 0.91 5.20 -2.96
N TRP A 7 1.04 4.38 -1.92
CA TRP A 7 1.03 4.89 -0.56
C TRP A 7 2.12 4.24 0.28
N ALA A 8 2.47 4.91 1.36
CA ALA A 8 3.51 4.41 2.27
C ALA A 8 2.88 3.87 3.55
N CYS A 9 3.02 2.57 3.76
CA CYS A 9 2.46 1.92 4.93
C CYS A 9 3.15 2.40 6.21
N GLN A 10 2.49 2.18 7.34
CA GLN A 10 3.04 2.58 8.62
C GLN A 10 3.26 1.37 9.53
N HIS A 11 3.61 0.24 8.92
CA HIS A 11 3.85 -0.99 9.66
C HIS A 11 5.08 -1.68 9.11
N CYS A 12 5.04 -1.99 7.81
CA CYS A 12 6.15 -2.62 7.15
C CYS A 12 7.11 -1.57 6.65
N THR A 13 6.55 -0.43 6.25
CA THR A 13 7.33 0.72 5.77
C THR A 13 7.69 0.57 4.29
N PHE A 14 6.77 0.01 3.52
CA PHE A 14 6.99 -0.18 2.10
C PHE A 14 5.93 0.55 1.29
N MET A 15 6.18 0.70 0.01
CA MET A 15 5.24 1.39 -0.88
C MET A 15 4.20 0.41 -1.38
N ASN A 16 3.02 0.92 -1.65
CA ASN A 16 1.92 0.08 -2.09
C ASN A 16 1.11 0.74 -3.21
N GLN A 17 0.51 -0.08 -4.06
CA GLN A 17 -0.29 0.42 -5.18
C GLN A 17 -1.53 1.17 -4.68
N PRO A 18 -2.15 1.97 -5.56
CA PRO A 18 -3.35 2.75 -5.23
C PRO A 18 -4.61 1.88 -5.09
N GLY A 19 -4.50 0.62 -5.45
CA GLY A 19 -5.65 -0.28 -5.36
C GLY A 19 -5.48 -1.30 -4.26
N THR A 20 -4.25 -1.43 -3.76
CA THR A 20 -3.95 -2.38 -2.70
C THR A 20 -4.03 -1.72 -1.33
N GLY A 21 -5.21 -1.20 -0.99
CA GLY A 21 -5.38 -0.55 0.30
C GLY A 21 -4.78 -1.36 1.42
N HIS A 22 -4.77 -2.68 1.26
CA HIS A 22 -4.20 -3.56 2.27
C HIS A 22 -2.67 -3.43 2.25
N CYS A 23 -1.97 -4.47 1.81
CA CYS A 23 -0.52 -4.43 1.73
C CYS A 23 0.06 -5.77 1.33
N GLU A 24 1.23 -5.73 0.71
CA GLU A 24 1.92 -6.93 0.28
C GLU A 24 3.11 -7.22 1.19
N MET A 25 3.03 -6.71 2.42
CA MET A 25 4.09 -6.91 3.39
C MET A 25 3.50 -7.34 4.72
N CYS A 26 2.66 -6.48 5.30
CA CYS A 26 2.04 -6.79 6.57
C CYS A 26 0.79 -7.64 6.37
N SER A 27 -0.08 -7.19 5.45
CA SER A 27 -1.35 -7.86 5.16
C SER A 27 -2.46 -7.23 5.97
N LEU A 28 -2.34 -5.91 6.10
CA LEU A 28 -3.28 -5.12 6.86
C LEU A 28 -3.94 -4.09 5.95
N PRO A 29 -4.97 -3.39 6.46
CA PRO A 29 -5.70 -2.37 5.71
C PRO A 29 -4.94 -1.05 5.64
N ARG A 30 -5.34 -0.19 4.69
CA ARG A 30 -4.71 1.11 4.52
C ARG A 30 -5.06 2.04 5.67
N THR A 31 -6.00 1.62 6.48
CA THR A 31 -6.44 2.42 7.62
C THR A 31 -6.83 1.52 8.80
N GLY A 1 1.98 1.77 -17.92
CA GLY A 1 1.66 1.50 -16.49
C GLY A 1 0.64 2.48 -15.92
N SER A 2 -0.62 2.08 -15.94
CA SER A 2 -1.70 2.93 -15.43
C SER A 2 -1.76 2.88 -13.91
N THR A 3 -1.63 4.05 -13.28
CA THR A 3 -1.67 4.14 -11.82
C THR A 3 -1.90 5.58 -11.37
N SER A 4 -2.66 5.74 -10.30
CA SER A 4 -2.97 7.05 -9.77
C SER A 4 -1.87 7.53 -8.82
N ALA A 5 -1.86 6.99 -7.61
CA ALA A 5 -0.86 7.35 -6.62
C ALA A 5 -0.73 6.27 -5.55
N MET A 6 0.49 5.76 -5.39
CA MET A 6 0.74 4.72 -4.40
C MET A 6 0.73 5.30 -2.99
N TRP A 7 0.93 4.44 -2.00
CA TRP A 7 0.94 4.88 -0.62
C TRP A 7 2.05 4.22 0.18
N ALA A 8 2.40 4.84 1.30
CA ALA A 8 3.45 4.33 2.17
C ALA A 8 2.85 3.80 3.47
N CYS A 9 3.02 2.51 3.72
CA CYS A 9 2.49 1.88 4.93
C CYS A 9 3.19 2.39 6.17
N GLN A 10 2.56 2.18 7.32
CA GLN A 10 3.12 2.62 8.58
C GLN A 10 3.33 1.41 9.52
N HIS A 11 3.67 0.27 8.92
CA HIS A 11 3.90 -0.95 9.69
C HIS A 11 5.12 -1.66 9.14
N CYS A 12 5.05 -2.02 7.86
CA CYS A 12 6.15 -2.67 7.18
C CYS A 12 7.12 -1.63 6.67
N THR A 13 6.56 -0.48 6.28
CA THR A 13 7.33 0.66 5.76
C THR A 13 7.70 0.47 4.29
N PHE A 14 6.78 -0.09 3.53
CA PHE A 14 7.00 -0.31 2.11
C PHE A 14 5.96 0.46 1.29
N MET A 15 6.24 0.60 0.00
CA MET A 15 5.34 1.30 -0.90
C MET A 15 4.27 0.35 -1.40
N ASN A 16 3.10 0.90 -1.67
CA ASN A 16 1.99 0.08 -2.12
C ASN A 16 1.19 0.79 -3.22
N GLN A 17 0.64 -0.01 -4.13
CA GLN A 17 -0.15 0.53 -5.24
C GLN A 17 -1.43 1.19 -4.74
N PRO A 18 -2.10 1.99 -5.60
CA PRO A 18 -3.33 2.69 -5.24
C PRO A 18 -4.55 1.78 -5.17
N GLY A 19 -4.36 0.51 -5.52
CA GLY A 19 -5.48 -0.42 -5.48
C GLY A 19 -5.36 -1.41 -4.34
N THR A 20 -4.15 -1.55 -3.80
CA THR A 20 -3.91 -2.45 -2.69
C THR A 20 -3.99 -1.74 -1.35
N GLY A 21 -5.18 -1.28 -1.00
CA GLY A 21 -5.33 -0.59 0.27
C GLY A 21 -4.75 -1.38 1.42
N HIS A 22 -4.77 -2.71 1.28
CA HIS A 22 -4.21 -3.58 2.30
C HIS A 22 -2.68 -3.45 2.29
N CYS A 23 -1.98 -4.50 1.87
CA CYS A 23 -0.53 -4.45 1.81
C CYS A 23 0.06 -5.81 1.43
N GLU A 24 1.19 -5.77 0.74
CA GLU A 24 1.87 -7.00 0.34
C GLU A 24 3.07 -7.25 1.25
N MET A 25 2.99 -6.74 2.47
CA MET A 25 4.06 -6.91 3.44
C MET A 25 3.48 -7.33 4.78
N CYS A 26 2.64 -6.47 5.36
CA CYS A 26 2.02 -6.78 6.63
C CYS A 26 0.76 -7.63 6.44
N SER A 27 -0.12 -7.18 5.54
CA SER A 27 -1.38 -7.86 5.26
C SER A 27 -2.49 -7.19 6.06
N LEU A 28 -2.36 -5.88 6.18
CA LEU A 28 -3.30 -5.08 6.92
C LEU A 28 -3.96 -4.06 6.00
N PRO A 29 -5.00 -3.37 6.50
CA PRO A 29 -5.73 -2.35 5.72
C PRO A 29 -4.98 -1.03 5.62
N ARG A 30 -5.37 -0.20 4.65
CA ARG A 30 -4.75 1.10 4.45
C ARG A 30 -5.13 2.07 5.57
N THR A 31 -6.06 1.65 6.40
CA THR A 31 -6.53 2.47 7.50
C THR A 31 -6.92 1.60 8.70
N GLY A 1 4.22 0.11 -11.44
CA GLY A 1 3.00 -0.61 -11.91
C GLY A 1 2.12 0.25 -12.79
N SER A 2 2.18 1.57 -12.59
CA SER A 2 1.37 2.50 -13.37
C SER A 2 -0.12 2.22 -13.19
N THR A 3 -0.80 3.12 -12.49
CA THR A 3 -2.23 2.97 -12.25
C THR A 3 -2.78 4.17 -11.49
N SER A 4 -2.03 4.65 -10.52
CA SER A 4 -2.44 5.80 -9.72
C SER A 4 -1.37 6.15 -8.68
N ALA A 5 -1.75 6.97 -7.71
CA ALA A 5 -0.83 7.37 -6.65
C ALA A 5 -0.72 6.30 -5.58
N MET A 6 0.48 5.77 -5.40
CA MET A 6 0.73 4.73 -4.40
C MET A 6 0.70 5.33 -3.00
N TRP A 7 0.90 4.48 -1.99
CA TRP A 7 0.92 4.93 -0.61
C TRP A 7 2.03 4.26 0.18
N ALA A 8 2.37 4.87 1.31
CA ALA A 8 3.41 4.34 2.18
C ALA A 8 2.82 3.81 3.48
N CYS A 9 2.98 2.52 3.72
CA CYS A 9 2.45 1.88 4.91
C CYS A 9 3.14 2.38 6.16
N GLN A 10 2.49 2.18 7.31
CA GLN A 10 3.05 2.60 8.58
C GLN A 10 3.25 1.40 9.50
N HIS A 11 3.60 0.26 8.91
CA HIS A 11 3.83 -0.96 9.67
C HIS A 11 5.07 -1.66 9.14
N CYS A 12 5.01 -2.01 7.86
CA CYS A 12 6.13 -2.65 7.20
C CYS A 12 7.10 -1.59 6.69
N THR A 13 6.53 -0.45 6.29
CA THR A 13 7.29 0.69 5.79
C THR A 13 7.68 0.52 4.32
N PHE A 14 6.77 -0.06 3.55
CA PHE A 14 6.99 -0.26 2.13
C PHE A 14 5.95 0.47 1.31
N MET A 15 6.21 0.60 0.02
CA MET A 15 5.29 1.28 -0.87
C MET A 15 4.25 0.30 -1.37
N ASN A 16 3.07 0.82 -1.68
CA ASN A 16 1.99 -0.03 -2.11
C ASN A 16 1.19 0.62 -3.25
N GLN A 17 0.56 -0.21 -4.07
CA GLN A 17 -0.24 0.27 -5.20
C GLN A 17 -1.46 1.05 -4.72
N PRO A 18 -2.05 1.88 -5.59
CA PRO A 18 -3.23 2.69 -5.25
C PRO A 18 -4.50 1.86 -5.12
N GLY A 19 -4.43 0.57 -5.47
CA GLY A 19 -5.59 -0.29 -5.38
C GLY A 19 -5.45 -1.31 -4.27
N THR A 20 -4.22 -1.47 -3.77
CA THR A 20 -3.95 -2.42 -2.71
C THR A 20 -4.00 -1.73 -1.35
N GLY A 21 -5.17 -1.20 -1.00
CA GLY A 21 -5.31 -0.53 0.28
C GLY A 21 -4.72 -1.35 1.41
N HIS A 22 -4.76 -2.66 1.27
CA HIS A 22 -4.20 -3.55 2.27
C HIS A 22 -2.67 -3.44 2.27
N CYS A 23 -1.97 -4.48 1.84
CA CYS A 23 -0.52 -4.44 1.77
C CYS A 23 0.05 -5.79 1.37
N GLU A 24 1.24 -5.75 0.77
CA GLU A 24 1.92 -6.97 0.35
C GLU A 24 3.11 -7.25 1.26
N MET A 25 3.04 -6.72 2.49
CA MET A 25 4.10 -6.91 3.46
C MET A 25 3.50 -7.33 4.80
N CYS A 26 2.65 -6.48 5.36
CA CYS A 26 2.01 -6.79 6.62
C CYS A 26 0.76 -7.64 6.41
N SER A 27 -0.10 -7.19 5.49
CA SER A 27 -1.36 -7.88 5.19
C SER A 27 -2.48 -7.24 5.99
N LEU A 28 -2.35 -5.93 6.13
CA LEU A 28 -3.29 -5.13 6.88
C LEU A 28 -3.93 -4.08 5.97
N PRO A 29 -4.95 -3.36 6.48
CA PRO A 29 -5.65 -2.33 5.72
C PRO A 29 -4.83 -1.04 5.60
N ARG A 30 -5.24 -0.18 4.67
CA ARG A 30 -4.56 1.10 4.46
C ARG A 30 -4.83 2.06 5.62
N THR A 31 -5.73 1.68 6.49
CA THR A 31 -6.09 2.51 7.64
C THR A 31 -6.45 1.64 8.84
N GLY A 1 -5.12 7.94 -16.03
CA GLY A 1 -5.17 6.65 -16.79
C GLY A 1 -5.03 5.45 -15.88
N SER A 2 -3.83 4.87 -15.84
CA SER A 2 -3.57 3.71 -15.02
C SER A 2 -2.74 4.08 -13.80
N THR A 3 -3.12 3.55 -12.64
CA THR A 3 -2.40 3.84 -11.40
C THR A 3 -2.43 5.33 -11.08
N SER A 4 -3.16 5.70 -10.04
CA SER A 4 -3.27 7.10 -9.63
C SER A 4 -2.06 7.51 -8.78
N ALA A 5 -2.01 6.99 -7.55
CA ALA A 5 -0.91 7.31 -6.65
C ALA A 5 -0.77 6.25 -5.57
N MET A 6 0.44 5.74 -5.41
CA MET A 6 0.71 4.72 -4.40
C MET A 6 0.70 5.31 -3.00
N TRP A 7 0.92 4.46 -2.00
CA TRP A 7 0.95 4.92 -0.62
C TRP A 7 2.05 4.26 0.18
N ALA A 8 2.39 4.86 1.30
CA ALA A 8 3.44 4.34 2.18
C ALA A 8 2.84 3.81 3.48
N CYS A 9 3.00 2.52 3.71
CA CYS A 9 2.47 1.89 4.91
C CYS A 9 3.16 2.40 6.17
N GLN A 10 2.51 2.19 7.31
CA GLN A 10 3.06 2.62 8.59
C GLN A 10 3.28 1.42 9.51
N HIS A 11 3.61 0.27 8.93
CA HIS A 11 3.84 -0.94 9.70
C HIS A 11 5.07 -1.65 9.15
N CYS A 12 5.01 -2.01 7.88
CA CYS A 12 6.12 -2.66 7.22
C CYS A 12 7.09 -1.61 6.71
N THR A 13 6.53 -0.47 6.30
CA THR A 13 7.30 0.67 5.80
C THR A 13 7.69 0.49 4.34
N PHE A 14 6.78 -0.08 3.55
CA PHE A 14 7.00 -0.29 2.14
C PHE A 14 5.96 0.45 1.32
N MET A 15 6.23 0.59 0.03
CA MET A 15 5.31 1.26 -0.87
C MET A 15 4.26 0.29 -1.37
N ASN A 16 3.09 0.82 -1.66
CA ASN A 16 1.99 -0.02 -2.10
C ASN A 16 1.20 0.65 -3.23
N GLN A 17 0.58 -0.18 -4.08
CA GLN A 17 -0.20 0.32 -5.20
C GLN A 17 -1.43 1.10 -4.73
N PRO A 18 -2.05 1.90 -5.61
CA PRO A 18 -3.23 2.69 -5.28
C PRO A 18 -4.49 1.85 -5.15
N GLY A 19 -4.41 0.57 -5.49
CA GLY A 19 -5.56 -0.31 -5.40
C GLY A 19 -5.41 -1.32 -4.29
N THR A 20 -4.20 -1.48 -3.79
CA THR A 20 -3.91 -2.42 -2.72
C THR A 20 -3.99 -1.75 -1.35
N GLY A 21 -5.16 -1.21 -1.02
CA GLY A 21 -5.33 -0.55 0.26
C GLY A 21 -4.75 -1.35 1.39
N HIS A 22 -4.76 -2.67 1.24
CA HIS A 22 -4.20 -3.55 2.27
C HIS A 22 -2.68 -3.43 2.25
N CYS A 23 -1.98 -4.48 1.83
CA CYS A 23 -0.53 -4.44 1.76
C CYS A 23 0.05 -5.80 1.38
N GLU A 24 1.23 -5.76 0.76
CA GLU A 24 1.91 -6.97 0.35
C GLU A 24 3.10 -7.24 1.27
N MET A 25 3.03 -6.73 2.49
CA MET A 25 4.09 -6.91 3.46
C MET A 25 3.50 -7.32 4.80
N CYS A 26 2.64 -6.47 5.36
CA CYS A 26 2.01 -6.78 6.63
C CYS A 26 0.76 -7.62 6.42
N SER A 27 -0.11 -7.19 5.49
CA SER A 27 -1.37 -7.89 5.19
C SER A 27 -2.49 -7.23 5.98
N LEU A 28 -2.37 -5.92 6.13
CA LEU A 28 -3.31 -5.13 6.86
C LEU A 28 -3.94 -4.08 5.96
N PRO A 29 -4.95 -3.35 6.46
CA PRO A 29 -5.64 -2.32 5.70
C PRO A 29 -4.83 -1.03 5.61
N ARG A 30 -5.23 -0.15 4.68
CA ARG A 30 -4.54 1.12 4.49
C ARG A 30 -4.83 2.08 5.63
N THR A 31 -5.73 1.68 6.52
CA THR A 31 -6.10 2.50 7.65
C THR A 31 -6.41 1.65 8.87
N GLY A 1 1.91 1.40 -17.07
CA GLY A 1 0.93 2.32 -17.70
C GLY A 1 0.10 3.08 -16.69
N SER A 2 -1.21 3.05 -16.86
CA SER A 2 -2.13 3.74 -15.95
C SER A 2 -1.98 3.20 -14.53
N THR A 3 -1.77 4.10 -13.57
CA THR A 3 -1.61 3.71 -12.18
C THR A 3 -1.78 4.92 -11.26
N SER A 4 -2.79 4.85 -10.38
CA SER A 4 -3.05 5.94 -9.45
C SER A 4 -1.84 6.19 -8.55
N ALA A 5 -2.03 7.02 -7.53
CA ALA A 5 -0.95 7.35 -6.61
C ALA A 5 -0.80 6.26 -5.54
N MET A 6 0.42 5.76 -5.37
CA MET A 6 0.70 4.72 -4.39
C MET A 6 0.67 5.29 -2.98
N TRP A 7 0.90 4.44 -1.99
CA TRP A 7 0.90 4.88 -0.61
C TRP A 7 2.03 4.22 0.18
N ALA A 8 2.36 4.83 1.31
CA ALA A 8 3.41 4.32 2.19
C ALA A 8 2.81 3.79 3.49
N CYS A 9 2.99 2.50 3.73
CA CYS A 9 2.47 1.88 4.94
C CYS A 9 3.16 2.39 6.18
N GLN A 10 2.53 2.18 7.33
CA GLN A 10 3.09 2.61 8.60
C GLN A 10 3.30 1.41 9.52
N HIS A 11 3.64 0.26 8.94
CA HIS A 11 3.88 -0.95 9.70
C HIS A 11 5.10 -1.66 9.15
N CYS A 12 5.03 -2.02 7.88
CA CYS A 12 6.13 -2.68 7.21
C CYS A 12 7.10 -1.62 6.69
N THR A 13 6.54 -0.48 6.29
CA THR A 13 7.30 0.66 5.79
C THR A 13 7.68 0.48 4.32
N PHE A 14 6.76 -0.08 3.55
CA PHE A 14 6.98 -0.30 2.13
C PHE A 14 5.96 0.46 1.31
N MET A 15 6.23 0.60 0.03
CA MET A 15 5.33 1.29 -0.88
C MET A 15 4.27 0.34 -1.39
N ASN A 16 3.10 0.87 -1.68
CA ASN A 16 2.00 0.05 -2.13
C ASN A 16 1.22 0.73 -3.27
N GLN A 17 0.67 -0.09 -4.16
CA GLN A 17 -0.11 0.42 -5.29
C GLN A 17 -1.38 1.13 -4.81
N PRO A 18 -2.01 1.91 -5.70
CA PRO A 18 -3.23 2.66 -5.38
C PRO A 18 -4.47 1.77 -5.30
N GLY A 19 -4.32 0.49 -5.61
CA GLY A 19 -5.44 -0.43 -5.56
C GLY A 19 -5.35 -1.38 -4.39
N THR A 20 -4.16 -1.54 -3.84
CA THR A 20 -3.93 -2.42 -2.71
C THR A 20 -4.00 -1.67 -1.39
N GLY A 21 -5.21 -1.32 -0.97
CA GLY A 21 -5.36 -0.61 0.29
C GLY A 21 -4.77 -1.40 1.44
N HIS A 22 -4.78 -2.72 1.31
CA HIS A 22 -4.23 -3.58 2.32
C HIS A 22 -2.70 -3.45 2.31
N CYS A 23 -2.00 -4.49 1.86
CA CYS A 23 -0.54 -4.44 1.80
C CYS A 23 0.04 -5.79 1.39
N GLU A 24 1.20 -5.75 0.75
CA GLU A 24 1.89 -6.95 0.32
C GLU A 24 3.08 -7.23 1.23
N MET A 25 3.00 -6.73 2.46
CA MET A 25 4.06 -6.91 3.43
C MET A 25 3.47 -7.34 4.77
N CYS A 26 2.63 -6.50 5.35
CA CYS A 26 2.00 -6.81 6.62
C CYS A 26 0.75 -7.65 6.40
N SER A 27 -0.13 -7.19 5.50
CA SER A 27 -1.40 -7.86 5.20
C SER A 27 -2.50 -7.20 6.01
N LEU A 28 -2.37 -5.89 6.15
CA LEU A 28 -3.30 -5.10 6.89
C LEU A 28 -3.92 -4.03 5.99
N PRO A 29 -4.95 -3.32 6.49
CA PRO A 29 -5.64 -2.28 5.73
C PRO A 29 -4.85 -0.96 5.72
N ARG A 30 -5.18 -0.10 4.76
CA ARG A 30 -4.52 1.20 4.64
C ARG A 30 -4.94 2.13 5.76
N THR A 31 -5.94 1.71 6.51
CA THR A 31 -6.46 2.51 7.61
C THR A 31 -6.95 1.60 8.75
N GLY A 1 5.84 0.08 -11.96
CA GLY A 1 4.62 0.65 -12.61
C GLY A 1 4.14 1.91 -11.91
N SER A 2 3.04 2.47 -12.41
CA SER A 2 2.47 3.69 -11.83
C SER A 2 1.05 3.91 -12.32
N THR A 3 0.11 3.15 -11.76
CA THR A 3 -1.30 3.26 -12.13
C THR A 3 -1.83 4.65 -11.83
N SER A 4 -1.52 5.16 -10.64
CA SER A 4 -1.97 6.48 -10.23
C SER A 4 -1.05 7.06 -9.16
N ALA A 5 -1.18 6.55 -7.94
CA ALA A 5 -0.36 7.01 -6.83
C ALA A 5 -0.30 5.98 -5.71
N MET A 6 0.89 5.47 -5.45
CA MET A 6 1.09 4.47 -4.40
C MET A 6 1.00 5.12 -3.02
N TRP A 7 1.06 4.29 -1.98
CA TRP A 7 1.00 4.80 -0.61
C TRP A 7 2.08 4.19 0.26
N ALA A 8 2.39 4.87 1.35
CA ALA A 8 3.41 4.41 2.28
C ALA A 8 2.78 3.87 3.56
N CYS A 9 2.91 2.56 3.77
CA CYS A 9 2.36 1.90 4.94
C CYS A 9 3.04 2.39 6.21
N GLN A 10 2.38 2.16 7.35
CA GLN A 10 2.93 2.56 8.63
C GLN A 10 3.16 1.35 9.52
N HIS A 11 3.55 0.23 8.91
CA HIS A 11 3.80 -1.00 9.64
C HIS A 11 5.05 -1.67 9.09
N CYS A 12 5.01 -1.98 7.80
CA CYS A 12 6.13 -2.59 7.13
C CYS A 12 7.09 -1.51 6.63
N THR A 13 6.50 -0.38 6.24
CA THR A 13 7.26 0.78 5.74
C THR A 13 7.61 0.63 4.26
N PHE A 14 6.70 0.04 3.49
CA PHE A 14 6.91 -0.13 2.07
C PHE A 14 5.84 0.59 1.27
N MET A 15 6.12 0.80 -0.01
CA MET A 15 5.18 1.48 -0.89
C MET A 15 4.21 0.48 -1.50
N ASN A 16 2.98 0.93 -1.70
CA ASN A 16 1.95 0.06 -2.23
C ASN A 16 1.07 0.78 -3.25
N GLN A 17 0.48 0.01 -4.16
CA GLN A 17 -0.38 0.58 -5.19
C GLN A 17 -1.63 1.22 -4.59
N PRO A 18 -2.31 2.08 -5.36
CA PRO A 18 -3.53 2.77 -4.90
C PRO A 18 -4.74 1.84 -4.84
N GLY A 19 -4.59 0.63 -5.37
CA GLY A 19 -5.69 -0.32 -5.34
C GLY A 19 -5.56 -1.33 -4.23
N THR A 20 -4.33 -1.51 -3.76
CA THR A 20 -4.05 -2.45 -2.67
C THR A 20 -4.06 -1.75 -1.33
N GLY A 21 -5.23 -1.27 -0.92
CA GLY A 21 -5.33 -0.60 0.36
C GLY A 21 -4.72 -1.43 1.47
N HIS A 22 -4.73 -2.74 1.29
CA HIS A 22 -4.17 -3.63 2.28
C HIS A 22 -2.64 -3.50 2.26
N CYS A 23 -1.93 -4.51 1.79
CA CYS A 23 -0.48 -4.45 1.70
C CYS A 23 0.12 -5.78 1.27
N GLU A 24 1.33 -5.72 0.74
CA GLU A 24 2.03 -6.91 0.29
C GLU A 24 3.20 -7.22 1.23
N MET A 25 3.10 -6.73 2.46
CA MET A 25 4.13 -6.96 3.46
C MET A 25 3.50 -7.39 4.77
N CYS A 26 2.68 -6.52 5.34
CA CYS A 26 2.01 -6.84 6.59
C CYS A 26 0.75 -7.68 6.34
N SER A 27 -0.10 -7.21 5.43
CA SER A 27 -1.36 -7.89 5.09
C SER A 27 -2.48 -7.25 5.88
N LEU A 28 -2.37 -5.94 6.06
CA LEU A 28 -3.31 -5.16 6.80
C LEU A 28 -3.91 -4.06 5.92
N PRO A 29 -4.95 -3.39 6.40
CA PRO A 29 -5.62 -2.31 5.66
C PRO A 29 -4.86 -0.99 5.75
N ARG A 30 -5.11 -0.11 4.78
CA ARG A 30 -4.47 1.20 4.75
C ARG A 30 -5.00 2.11 5.84
N THR A 31 -6.06 1.66 6.49
CA THR A 31 -6.69 2.42 7.55
C THR A 31 -7.27 1.49 8.62
N GLY A 1 5.33 6.97 -15.61
CA GLY A 1 4.06 7.48 -16.22
C GLY A 1 2.95 6.45 -16.19
N SER A 2 2.54 6.06 -14.98
CA SER A 2 1.48 5.08 -14.82
C SER A 2 0.98 5.04 -13.38
N THR A 3 -0.09 4.30 -13.15
CA THR A 3 -0.67 4.18 -11.81
C THR A 3 -1.16 5.55 -11.31
N SER A 4 -2.17 5.53 -10.46
CA SER A 4 -2.73 6.75 -9.91
C SER A 4 -1.80 7.35 -8.86
N ALA A 5 -1.82 6.78 -7.67
CA ALA A 5 -0.96 7.25 -6.58
C ALA A 5 -0.77 6.18 -5.52
N MET A 6 0.47 5.71 -5.38
CA MET A 6 0.78 4.68 -4.39
C MET A 6 0.75 5.27 -2.98
N TRP A 7 0.93 4.41 -1.99
CA TRP A 7 0.93 4.86 -0.60
C TRP A 7 2.05 4.20 0.20
N ALA A 8 2.39 4.83 1.31
CA ALA A 8 3.44 4.32 2.19
C ALA A 8 2.84 3.80 3.50
N CYS A 9 3.00 2.51 3.74
CA CYS A 9 2.47 1.89 4.94
C CYS A 9 3.16 2.39 6.19
N GLN A 10 2.53 2.17 7.34
CA GLN A 10 3.09 2.61 8.61
C GLN A 10 3.31 1.41 9.53
N HIS A 11 3.65 0.27 8.94
CA HIS A 11 3.91 -0.95 9.70
C HIS A 11 5.12 -1.65 9.14
N CYS A 12 5.04 -2.02 7.87
CA CYS A 12 6.14 -2.67 7.19
C CYS A 12 7.11 -1.61 6.67
N THR A 13 6.55 -0.46 6.28
CA THR A 13 7.32 0.67 5.78
C THR A 13 7.68 0.49 4.30
N PHE A 14 6.76 -0.06 3.53
CA PHE A 14 6.98 -0.27 2.11
C PHE A 14 5.95 0.49 1.30
N MET A 15 6.23 0.62 0.01
CA MET A 15 5.32 1.33 -0.89
C MET A 15 4.26 0.37 -1.39
N ASN A 16 3.09 0.91 -1.69
CA ASN A 16 1.99 0.09 -2.14
C ASN A 16 1.19 0.77 -3.26
N GLN A 17 0.65 -0.04 -4.16
CA GLN A 17 -0.13 0.47 -5.28
C GLN A 17 -1.41 1.16 -4.80
N PRO A 18 -2.06 1.96 -5.67
CA PRO A 18 -3.29 2.68 -5.33
C PRO A 18 -4.52 1.77 -5.26
N GLY A 19 -4.34 0.50 -5.59
CA GLY A 19 -5.45 -0.44 -5.57
C GLY A 19 -5.36 -1.41 -4.39
N THR A 20 -4.16 -1.53 -3.85
CA THR A 20 -3.93 -2.43 -2.71
C THR A 20 -4.01 -1.68 -1.39
N GLY A 21 -5.22 -1.35 -0.98
CA GLY A 21 -5.38 -0.65 0.28
C GLY A 21 -4.79 -1.42 1.42
N HIS A 22 -4.78 -2.75 1.30
CA HIS A 22 -4.22 -3.60 2.33
C HIS A 22 -2.70 -3.47 2.30
N CYS A 23 -1.99 -4.49 1.85
CA CYS A 23 -0.54 -4.44 1.77
C CYS A 23 0.06 -5.78 1.37
N GLU A 24 1.23 -5.71 0.73
CA GLU A 24 1.93 -6.91 0.30
C GLU A 24 3.11 -7.19 1.22
N MET A 25 3.02 -6.71 2.46
CA MET A 25 4.06 -6.90 3.44
C MET A 25 3.46 -7.35 4.76
N CYS A 26 2.62 -6.50 5.35
CA CYS A 26 1.98 -6.82 6.61
C CYS A 26 0.73 -7.67 6.37
N SER A 27 -0.15 -7.18 5.49
CA SER A 27 -1.41 -7.86 5.16
C SER A 27 -2.53 -7.21 5.95
N LEU A 28 -2.41 -5.91 6.12
CA LEU A 28 -3.36 -5.12 6.85
C LEU A 28 -3.95 -4.03 5.97
N PRO A 29 -5.00 -3.35 6.46
CA PRO A 29 -5.66 -2.28 5.72
C PRO A 29 -4.92 -0.95 5.81
N ARG A 30 -5.16 -0.07 4.84
CA ARG A 30 -4.51 1.23 4.82
C ARG A 30 -5.08 2.15 5.91
N THR A 31 -6.14 1.70 6.54
CA THR A 31 -6.78 2.45 7.60
C THR A 31 -7.36 1.52 8.66
N GLY A 1 2.87 1.08 -17.30
CA GLY A 1 1.98 1.19 -16.10
C GLY A 1 1.72 2.64 -15.71
N SER A 2 0.45 2.97 -15.50
CA SER A 2 0.07 4.31 -15.11
C SER A 2 0.06 4.47 -13.60
N THR A 3 -0.89 3.82 -12.95
CA THR A 3 -1.00 3.88 -11.49
C THR A 3 -1.29 5.31 -11.03
N SER A 4 -2.43 5.50 -10.37
CA SER A 4 -2.82 6.81 -9.88
C SER A 4 -1.78 7.35 -8.89
N ALA A 5 -1.80 6.82 -7.67
CA ALA A 5 -0.87 7.26 -6.64
C ALA A 5 -0.72 6.20 -5.56
N MET A 6 0.49 5.70 -5.38
CA MET A 6 0.76 4.68 -4.38
C MET A 6 0.75 5.29 -2.98
N TRP A 7 0.96 4.45 -1.97
CA TRP A 7 0.97 4.92 -0.59
C TRP A 7 2.08 4.25 0.21
N ALA A 8 2.43 4.88 1.32
CA ALA A 8 3.47 4.36 2.21
C ALA A 8 2.86 3.83 3.50
N CYS A 9 3.02 2.54 3.74
CA CYS A 9 2.48 1.90 4.92
C CYS A 9 3.18 2.40 6.18
N GLN A 10 2.54 2.18 7.33
CA GLN A 10 3.09 2.61 8.61
C GLN A 10 3.30 1.40 9.52
N HIS A 11 3.64 0.26 8.93
CA HIS A 11 3.87 -0.96 9.69
C HIS A 11 5.10 -1.67 9.13
N CYS A 12 5.04 -2.01 7.85
CA CYS A 12 6.14 -2.66 7.18
C CYS A 12 7.12 -1.60 6.67
N THR A 13 6.56 -0.46 6.28
CA THR A 13 7.32 0.69 5.78
C THR A 13 7.71 0.52 4.31
N PHE A 14 6.79 -0.05 3.54
CA PHE A 14 7.02 -0.25 2.11
C PHE A 14 5.96 0.49 1.31
N MET A 15 6.21 0.62 0.02
CA MET A 15 5.28 1.29 -0.88
C MET A 15 4.23 0.30 -1.37
N ASN A 16 3.06 0.82 -1.68
CA ASN A 16 1.97 -0.02 -2.11
C ASN A 16 1.18 0.62 -3.25
N GLN A 17 0.55 -0.22 -4.07
CA GLN A 17 -0.24 0.27 -5.20
C GLN A 17 -1.47 1.05 -4.72
N PRO A 18 -2.04 1.88 -5.60
CA PRO A 18 -3.22 2.71 -5.28
C PRO A 18 -4.50 1.88 -5.12
N GLY A 19 -4.44 0.61 -5.48
CA GLY A 19 -5.60 -0.26 -5.37
C GLY A 19 -5.46 -1.28 -4.26
N THR A 20 -4.23 -1.43 -3.77
CA THR A 20 -3.95 -2.39 -2.71
C THR A 20 -4.01 -1.72 -1.34
N GLY A 21 -5.18 -1.18 -1.00
CA GLY A 21 -5.34 -0.53 0.29
C GLY A 21 -4.74 -1.35 1.42
N HIS A 22 -4.76 -2.66 1.26
CA HIS A 22 -4.19 -3.55 2.26
C HIS A 22 -2.67 -3.43 2.25
N CYS A 23 -1.97 -4.48 1.80
CA CYS A 23 -0.52 -4.43 1.74
C CYS A 23 0.06 -5.79 1.34
N GLU A 24 1.27 -5.74 0.77
CA GLU A 24 1.95 -6.96 0.34
C GLU A 24 3.13 -7.24 1.26
N MET A 25 3.06 -6.71 2.48
CA MET A 25 4.12 -6.90 3.45
C MET A 25 3.52 -7.32 4.79
N CYS A 26 2.66 -6.47 5.35
CA CYS A 26 2.02 -6.78 6.61
C CYS A 26 0.76 -7.62 6.40
N SER A 27 -0.10 -7.17 5.48
CA SER A 27 -1.36 -7.86 5.18
C SER A 27 -2.48 -7.22 5.98
N LEU A 28 -2.35 -5.90 6.12
CA LEU A 28 -3.30 -5.11 6.87
C LEU A 28 -3.97 -4.09 5.96
N PRO A 29 -4.99 -3.39 6.47
CA PRO A 29 -5.72 -2.38 5.70
C PRO A 29 -4.97 -1.05 5.62
N ARG A 30 -5.36 -0.20 4.67
CA ARG A 30 -4.73 1.09 4.48
C ARG A 30 -5.10 2.05 5.61
N THR A 31 -6.03 1.63 6.44
CA THR A 31 -6.48 2.44 7.55
C THR A 31 -6.87 1.56 8.74
#